data_6XPU
#
_entry.id   6XPU
#
_cell.length_a   52.900
_cell.length_b   70.307
_cell.length_c   119.133
_cell.angle_alpha   90.000
_cell.angle_beta   90.000
_cell.angle_gamma   90.000
#
_symmetry.space_group_name_H-M   'P 21 2 21'
#
loop_
_entity.id
_entity.type
_entity.pdbx_description
1 polymer 'Nucleoside diphosphate kinase'
2 non-polymer 'MAGNESIUM ION'
3 non-polymer "INOSINE-5'-DIPHOSPHATE"
4 water water
#
_entity_poly.entity_id   1
_entity_poly.type   'polypeptide(L)'
_entity_poly.pdbx_seq_one_letter_code
;MHHHHHHGSMSNEQTFIAIKPDGVQRGLIGPIISRFENRGFKLVAMKLVSPPQSQLEQHYADLSDKPFFKGLVSYMLSGP
ICAMVWEGRDVVKTGRTILGATNPLASAPGTIRGDFAIDVGRNVCHGSDSVENAKKEIALWFKPEELISWKSATFDWVYE
KA
;
_entity_poly.pdbx_strand_id   A,B,C
#
loop_
_chem_comp.id
_chem_comp.type
_chem_comp.name
_chem_comp.formula
IDP non-polymer INOSINE-5'-DIPHOSPHATE 'C10 H14 N4 O11 P2'
MG non-polymer 'MAGNESIUM ION' 'Mg 2'
#
# COMPACT_ATOMS: atom_id res chain seq x y z
N SER A 9 -29.16 -19.78 3.54
CA SER A 9 -28.06 -18.83 3.45
C SER A 9 -28.44 -17.62 2.63
N MET A 10 -28.81 -16.53 3.30
CA MET A 10 -29.20 -15.31 2.63
C MET A 10 -27.97 -14.45 2.31
N SER A 11 -28.12 -13.62 1.28
CA SER A 11 -27.02 -12.78 0.81
C SER A 11 -26.69 -11.63 1.75
N ASN A 12 -27.44 -11.44 2.84
CA ASN A 12 -27.18 -10.36 3.77
C ASN A 12 -26.48 -10.82 5.04
N GLU A 13 -25.96 -12.04 5.07
CA GLU A 13 -25.15 -12.48 6.21
C GLU A 13 -23.93 -11.58 6.36
N GLN A 14 -23.53 -11.33 7.60
CA GLN A 14 -22.42 -10.43 7.89
C GLN A 14 -21.40 -11.13 8.78
N THR A 15 -20.13 -10.77 8.60
CA THR A 15 -19.06 -11.27 9.44
C THR A 15 -18.14 -10.12 9.81
N PHE A 16 -17.40 -10.30 10.89
CA PHE A 16 -16.43 -9.32 11.35
C PHE A 16 -15.03 -9.78 10.97
N ILE A 17 -14.35 -8.97 10.15
CA ILE A 17 -12.98 -9.21 9.75
C ILE A 17 -12.13 -8.07 10.27
N ALA A 18 -11.00 -8.41 10.90
CA ALA A 18 -10.12 -7.40 11.49
C ALA A 18 -8.68 -7.71 11.09
N ILE A 19 -7.97 -6.69 10.61
CA ILE A 19 -6.54 -6.79 10.34
C ILE A 19 -5.81 -6.44 11.62
N LYS A 20 -5.10 -7.42 12.18
CA LYS A 20 -4.41 -7.26 13.45
C LYS A 20 -3.21 -6.32 13.30
N PRO A 21 -2.67 -5.82 14.42
CA PRO A 21 -1.58 -4.83 14.33
C PRO A 21 -0.38 -5.27 13.49
N ASP A 22 -0.05 -6.57 13.46
CA ASP A 22 1.06 -7.00 12.64
C ASP A 22 0.73 -6.89 11.15
N GLY A 23 -0.54 -7.11 10.77
CA GLY A 23 -0.92 -6.91 9.38
C GLY A 23 -0.86 -5.45 8.96
N VAL A 24 -1.20 -4.54 9.87
CA VAL A 24 -1.08 -3.12 9.57
C VAL A 24 0.38 -2.71 9.47
N GLN A 25 1.20 -3.15 10.44
CA GLN A 25 2.61 -2.78 10.46
C GLN A 25 3.35 -3.28 9.22
N ARG A 26 2.98 -4.45 8.72
CA ARG A 26 3.66 -5.04 7.57
C ARG A 26 3.07 -4.59 6.24
N GLY A 27 2.14 -3.65 6.25
CA GLY A 27 1.62 -3.07 5.03
C GLY A 27 0.72 -3.98 4.23
N LEU A 28 -0.21 -4.66 4.91
CA LEU A 28 -1.07 -5.64 4.28
C LEU A 28 -2.54 -5.22 4.24
N ILE A 29 -2.85 -3.94 4.50
CA ILE A 29 -4.24 -3.50 4.51
C ILE A 29 -4.84 -3.64 3.12
N GLY A 30 -4.18 -3.06 2.11
CA GLY A 30 -4.61 -3.16 0.75
C GLY A 30 -4.85 -4.58 0.25
N PRO A 31 -3.83 -5.43 0.34
CA PRO A 31 -3.99 -6.82 -0.15
C PRO A 31 -5.10 -7.60 0.53
N ILE A 32 -5.28 -7.42 1.84
CA ILE A 32 -6.30 -8.19 2.55
C ILE A 32 -7.69 -7.73 2.13
N ILE A 33 -7.90 -6.40 2.03
CA ILE A 33 -9.18 -5.88 1.57
C ILE A 33 -9.49 -6.40 0.17
N SER A 34 -8.48 -6.46 -0.70
CA SER A 34 -8.70 -6.91 -2.07
C SER A 34 -9.15 -8.36 -2.14
N ARG A 35 -8.72 -9.19 -1.19
CA ARG A 35 -9.13 -10.60 -1.18
C ARG A 35 -10.65 -10.72 -1.04
N PHE A 36 -11.23 -9.96 -0.11
CA PHE A 36 -12.68 -10.00 0.07
C PHE A 36 -13.39 -9.20 -1.02
N GLU A 37 -12.81 -8.08 -1.43
CA GLU A 37 -13.41 -7.25 -2.47
C GLU A 37 -13.52 -8.00 -3.80
N ASN A 38 -12.44 -8.68 -4.19
CA ASN A 38 -12.44 -9.40 -5.46
C ASN A 38 -13.37 -10.61 -5.41
N ARG A 39 -13.56 -11.22 -4.24
CA ARG A 39 -14.42 -12.39 -4.14
C ARG A 39 -15.88 -12.04 -4.41
N GLY A 40 -16.26 -10.78 -4.19
CA GLY A 40 -17.63 -10.35 -4.39
C GLY A 40 -18.40 -9.98 -3.14
N PHE A 41 -17.74 -9.95 -1.98
CA PHE A 41 -18.41 -9.55 -0.76
C PHE A 41 -18.46 -8.03 -0.65
N LYS A 42 -19.47 -7.54 0.08
CA LYS A 42 -19.74 -6.11 0.19
C LYS A 42 -19.20 -5.57 1.51
N LEU A 43 -18.37 -4.54 1.42
CA LEU A 43 -17.89 -3.85 2.61
C LEU A 43 -18.98 -2.90 3.09
N VAL A 44 -19.49 -3.14 4.30
CA VAL A 44 -20.55 -2.32 4.86
C VAL A 44 -20.10 -1.48 6.05
N ALA A 45 -18.92 -1.75 6.61
CA ALA A 45 -18.37 -0.95 7.69
C ALA A 45 -16.87 -1.15 7.74
N MET A 46 -16.16 -0.07 8.07
CA MET A 46 -14.71 -0.14 8.22
C MET A 46 -14.24 1.07 9.01
N LYS A 47 -13.21 0.87 9.83
CA LYS A 47 -12.57 1.96 10.54
C LYS A 47 -11.25 1.48 11.10
N LEU A 48 -10.26 2.36 11.09
CA LEU A 48 -9.01 2.11 11.80
C LEU A 48 -9.19 2.54 13.25
N VAL A 49 -8.87 1.63 14.18
CA VAL A 49 -9.15 1.85 15.60
C VAL A 49 -8.00 1.34 16.45
N SER A 50 -7.86 1.93 17.63
CA SER A 50 -6.99 1.45 18.70
C SER A 50 -7.90 1.25 19.91
N PRO A 51 -8.65 0.14 19.95
CA PRO A 51 -9.72 0.00 20.94
C PRO A 51 -9.18 -0.21 22.34
N PRO A 52 -9.99 0.01 23.38
CA PRO A 52 -9.51 -0.15 24.76
C PRO A 52 -9.26 -1.60 25.10
N GLN A 53 -8.46 -1.79 26.16
CA GLN A 53 -8.10 -3.13 26.61
C GLN A 53 -9.33 -3.97 26.92
N SER A 54 -10.33 -3.37 27.57
CA SER A 54 -11.52 -4.13 27.95
C SER A 54 -12.30 -4.62 26.73
N GLN A 55 -12.22 -3.89 25.62
CA GLN A 55 -12.88 -4.35 24.40
C GLN A 55 -12.17 -5.56 23.82
N LEU A 56 -10.84 -5.58 23.84
N LEU A 56 -10.84 -5.56 23.81
CA LEU A 56 -10.11 -6.73 23.32
CA LEU A 56 -10.10 -6.73 23.33
C LEU A 56 -10.25 -7.94 24.23
C LEU A 56 -10.34 -7.93 24.22
N GLU A 57 -10.38 -7.72 25.54
CA GLU A 57 -10.60 -8.85 26.45
C GLU A 57 -11.98 -9.45 26.24
N GLN A 58 -12.99 -8.61 25.97
CA GLN A 58 -14.31 -9.13 25.66
C GLN A 58 -14.35 -9.83 24.31
N HIS A 59 -13.60 -9.30 23.34
CA HIS A 59 -13.52 -9.95 22.03
C HIS A 59 -13.01 -11.38 22.16
N TYR A 60 -11.98 -11.57 22.99
CA TYR A 60 -11.38 -12.88 23.22
C TYR A 60 -11.80 -13.49 24.56
N ALA A 61 -13.03 -13.21 25.00
CA ALA A 61 -13.49 -13.67 26.30
C ALA A 61 -13.49 -15.19 26.42
N ASP A 62 -13.73 -15.89 25.29
CA ASP A 62 -13.74 -17.35 25.32
C ASP A 62 -12.35 -17.93 25.59
N LEU A 63 -11.29 -17.14 25.45
CA LEU A 63 -9.92 -17.60 25.66
C LEU A 63 -9.29 -16.99 26.90
N SER A 64 -10.11 -16.50 27.84
CA SER A 64 -9.58 -15.77 29.00
C SER A 64 -8.68 -16.65 29.86
N ASP A 65 -8.89 -17.95 29.84
CA ASP A 65 -8.11 -18.87 30.67
C ASP A 65 -7.01 -19.57 29.90
N LYS A 66 -6.87 -19.31 28.60
CA LYS A 66 -5.75 -19.81 27.86
C LYS A 66 -4.45 -19.14 28.34
N PRO A 67 -3.34 -19.88 28.34
CA PRO A 67 -2.09 -19.29 28.84
C PRO A 67 -1.57 -18.12 28.01
N PHE A 68 -1.94 -18.04 26.73
CA PHE A 68 -1.50 -16.96 25.86
C PHE A 68 -2.47 -15.78 25.83
N PHE A 69 -3.44 -15.74 26.76
CA PHE A 69 -4.47 -14.72 26.70
C PHE A 69 -3.89 -13.33 26.95
N LYS A 70 -3.12 -13.16 28.03
CA LYS A 70 -2.57 -11.85 28.34
C LYS A 70 -1.61 -11.39 27.25
N GLY A 71 -0.80 -12.30 26.71
CA GLY A 71 0.06 -11.94 25.60
C GLY A 71 -0.71 -11.58 24.34
N LEU A 72 -1.84 -12.25 24.10
CA LEU A 72 -2.67 -11.93 22.94
C LEU A 72 -3.30 -10.55 23.08
N VAL A 73 -3.83 -10.23 24.26
CA VAL A 73 -4.47 -8.93 24.48
C VAL A 73 -3.43 -7.81 24.37
N SER A 74 -2.25 -8.02 24.97
N SER A 74 -2.24 -8.02 24.95
CA SER A 74 -1.21 -6.99 24.93
CA SER A 74 -1.22 -6.99 24.93
C SER A 74 -0.72 -6.74 23.51
C SER A 74 -0.71 -6.74 23.52
N TYR A 75 -0.57 -7.81 22.72
CA TYR A 75 -0.13 -7.64 21.34
C TYR A 75 -1.21 -6.97 20.49
N MET A 76 -2.47 -7.30 20.74
CA MET A 76 -3.56 -6.64 20.02
C MET A 76 -3.69 -5.17 20.40
N LEU A 77 -3.08 -4.75 21.51
CA LEU A 77 -3.04 -3.34 21.89
C LEU A 77 -1.81 -2.62 21.36
N SER A 78 -0.87 -3.33 20.74
CA SER A 78 0.43 -2.76 20.39
C SER A 78 0.42 -1.96 19.10
N GLY A 79 -0.72 -1.88 18.40
CA GLY A 79 -0.80 -1.13 17.17
C GLY A 79 -2.23 -0.95 16.70
N PRO A 80 -2.42 -0.19 15.63
CA PRO A 80 -3.77 0.03 15.12
C PRO A 80 -4.35 -1.25 14.50
N ILE A 81 -5.68 -1.30 14.49
CA ILE A 81 -6.43 -2.41 13.94
C ILE A 81 -7.40 -1.87 12.90
N CYS A 82 -7.48 -2.56 11.76
CA CYS A 82 -8.46 -2.22 10.72
C CYS A 82 -9.66 -3.16 10.89
N ALA A 83 -10.72 -2.64 11.50
CA ALA A 83 -11.93 -3.43 11.74
C ALA A 83 -12.89 -3.26 10.56
N MET A 84 -13.49 -4.38 10.15
CA MET A 84 -14.33 -4.39 8.96
C MET A 84 -15.55 -5.28 9.18
N VAL A 85 -16.65 -4.92 8.54
CA VAL A 85 -17.82 -5.78 8.43
C VAL A 85 -18.05 -6.04 6.95
N TRP A 86 -18.06 -7.31 6.57
CA TRP A 86 -18.31 -7.73 5.19
C TRP A 86 -19.62 -8.49 5.13
N GLU A 87 -20.35 -8.31 4.03
CA GLU A 87 -21.70 -8.86 3.89
C GLU A 87 -21.78 -9.69 2.61
N GLY A 88 -22.35 -10.88 2.71
CA GLY A 88 -22.51 -11.75 1.57
C GLY A 88 -22.98 -13.12 1.99
N ARG A 89 -23.40 -13.90 1.00
CA ARG A 89 -23.87 -15.25 1.28
C ARG A 89 -22.74 -16.11 1.84
N ASP A 90 -22.96 -16.67 3.02
N ASP A 90 -22.95 -16.67 3.02
CA ASP A 90 -21.99 -17.54 3.69
CA ASP A 90 -21.98 -17.54 3.68
C ASP A 90 -20.64 -16.83 3.87
C ASP A 90 -20.63 -16.83 3.87
N VAL A 91 -20.69 -15.53 4.13
CA VAL A 91 -19.46 -14.74 4.29
C VAL A 91 -18.71 -15.15 5.56
N VAL A 92 -19.38 -15.71 6.55
CA VAL A 92 -18.69 -16.14 7.76
C VAL A 92 -17.79 -17.34 7.45
N LYS A 93 -18.37 -18.40 6.88
CA LYS A 93 -17.60 -19.61 6.61
C LYS A 93 -16.58 -19.37 5.51
N THR A 94 -16.99 -18.74 4.41
CA THR A 94 -16.06 -18.45 3.32
C THR A 94 -14.98 -17.46 3.76
N GLY A 95 -15.33 -16.52 4.63
CA GLY A 95 -14.32 -15.62 5.18
C GLY A 95 -13.22 -16.37 5.91
N ARG A 96 -13.60 -17.36 6.73
CA ARG A 96 -12.61 -18.18 7.41
C ARG A 96 -11.74 -18.95 6.42
N THR A 97 -12.33 -19.39 5.32
CA THR A 97 -11.57 -20.10 4.29
C THR A 97 -10.56 -19.16 3.62
N ILE A 98 -10.98 -17.93 3.32
CA ILE A 98 -10.06 -16.96 2.73
C ILE A 98 -8.91 -16.65 3.68
N LEU A 99 -9.21 -16.54 4.98
CA LEU A 99 -8.15 -16.23 5.94
C LEU A 99 -7.15 -17.38 6.06
N GLY A 100 -7.62 -18.62 5.97
CA GLY A 100 -6.76 -19.76 6.16
C GLY A 100 -6.77 -20.25 7.60
N ALA A 101 -6.06 -21.36 7.81
CA ALA A 101 -6.02 -21.97 9.13
C ALA A 101 -5.44 -21.01 10.16
N THR A 102 -5.91 -21.15 11.41
CA THR A 102 -5.47 -20.26 12.48
C THR A 102 -3.95 -20.28 12.63
N ASN A 103 -3.36 -21.46 12.65
CA ASN A 103 -1.91 -21.59 12.60
C ASN A 103 -1.45 -21.48 11.15
N PRO A 104 -0.67 -20.46 10.80
CA PRO A 104 -0.23 -20.33 9.39
C PRO A 104 0.57 -21.51 8.90
N LEU A 105 1.24 -22.25 9.79
CA LEU A 105 1.97 -23.44 9.36
C LEU A 105 1.06 -24.49 8.76
N ALA A 106 -0.22 -24.49 9.15
CA ALA A 106 -1.21 -25.40 8.60
C ALA A 106 -2.04 -24.77 7.49
N SER A 107 -1.79 -23.51 7.16
CA SER A 107 -2.58 -22.83 6.14
C SER A 107 -2.05 -23.15 4.74
N ALA A 108 -2.93 -22.97 3.75
CA ALA A 108 -2.56 -23.28 2.38
C ALA A 108 -2.20 -22.01 1.62
N PRO A 109 -1.17 -22.08 0.77
CA PRO A 109 -0.89 -20.96 -0.13
C PRO A 109 -2.13 -20.60 -0.94
N GLY A 110 -2.33 -19.29 -1.12
CA GLY A 110 -3.55 -18.76 -1.69
C GLY A 110 -4.48 -18.13 -0.69
N THR A 111 -4.39 -18.52 0.59
CA THR A 111 -5.10 -17.86 1.65
C THR A 111 -4.26 -16.69 2.19
N ILE A 112 -4.88 -15.86 3.01
CA ILE A 112 -4.19 -14.69 3.55
C ILE A 112 -3.01 -15.11 4.41
N ARG A 113 -3.26 -16.02 5.36
CA ARG A 113 -2.17 -16.49 6.22
C ARG A 113 -1.20 -17.39 5.47
N GLY A 114 -1.69 -18.17 4.51
CA GLY A 114 -0.82 -18.99 3.69
C GLY A 114 0.09 -18.18 2.78
N ASP A 115 -0.26 -16.93 2.50
CA ASP A 115 0.56 -16.06 1.68
C ASP A 115 1.43 -15.10 2.49
N PHE A 116 1.03 -14.76 3.73
CA PHE A 116 1.61 -13.63 4.43
C PHE A 116 2.07 -13.91 5.86
N ALA A 117 1.72 -15.04 6.47
CA ALA A 117 1.94 -15.23 7.90
C ALA A 117 2.69 -16.53 8.17
N ILE A 118 3.28 -16.60 9.36
CA ILE A 118 4.10 -17.75 9.77
C ILE A 118 3.73 -18.22 11.17
N ASP A 119 3.68 -17.28 12.13
N ASP A 119 3.71 -17.29 12.13
CA ASP A 119 3.45 -17.60 13.52
CA ASP A 119 3.46 -17.64 13.53
C ASP A 119 1.97 -17.49 13.86
C ASP A 119 1.99 -17.49 13.88
N VAL A 120 1.49 -18.42 14.70
CA VAL A 120 0.10 -18.38 15.12
C VAL A 120 -0.19 -17.16 15.96
N GLY A 121 0.79 -16.70 16.74
CA GLY A 121 0.63 -15.46 17.50
C GLY A 121 0.72 -14.21 16.67
N ARG A 122 1.04 -14.33 15.38
CA ARG A 122 1.11 -13.20 14.46
C ARG A 122 0.46 -13.60 13.13
N ASN A 123 -0.82 -14.00 13.18
CA ASN A 123 -1.52 -14.46 11.99
C ASN A 123 -2.24 -13.33 11.25
N VAL A 124 -1.82 -12.08 11.47
N VAL A 124 -1.82 -12.08 11.47
CA VAL A 124 -2.11 -10.89 10.66
CA VAL A 124 -2.17 -10.95 10.61
C VAL A 124 -3.59 -10.52 10.55
C VAL A 124 -3.63 -10.54 10.72
N CYS A 125 -4.49 -11.43 10.88
N CYS A 125 -4.56 -11.51 10.66
CA CYS A 125 -5.91 -11.13 10.67
CA CYS A 125 -5.97 -11.18 10.53
C CYS A 125 -6.77 -11.94 11.63
C CYS A 125 -6.82 -12.03 11.46
N HIS A 126 -8.03 -11.53 11.73
CA HIS A 126 -9.04 -12.25 12.51
C HIS A 126 -10.34 -12.31 11.71
N GLY A 127 -11.07 -13.41 11.89
CA GLY A 127 -12.39 -13.54 11.31
C GLY A 127 -13.36 -14.28 12.23
N SER A 128 -14.62 -13.85 12.25
CA SER A 128 -15.62 -14.50 13.08
C SER A 128 -15.78 -15.96 12.68
N ASP A 129 -15.92 -16.84 13.67
CA ASP A 129 -15.98 -18.28 13.42
C ASP A 129 -17.40 -18.81 13.28
N SER A 130 -18.41 -18.00 13.57
N SER A 130 -18.42 -18.00 13.57
CA SER A 130 -19.80 -18.42 13.44
CA SER A 130 -19.80 -18.43 13.45
C SER A 130 -20.67 -17.19 13.23
C SER A 130 -20.68 -17.19 13.27
N VAL A 131 -21.90 -17.43 12.80
CA VAL A 131 -22.84 -16.32 12.58
C VAL A 131 -23.19 -15.65 13.90
N GLU A 132 -23.43 -16.44 14.95
N GLU A 132 -23.41 -16.43 14.96
CA GLU A 132 -23.78 -15.88 16.25
CA GLU A 132 -23.78 -15.84 16.24
C GLU A 132 -22.61 -15.08 16.82
C GLU A 132 -22.61 -15.07 16.85
N ASN A 133 -21.38 -15.59 16.69
CA ASN A 133 -20.22 -14.84 17.17
C ASN A 133 -19.97 -13.61 16.31
N ALA A 134 -20.32 -13.68 15.02
CA ALA A 134 -20.21 -12.50 14.16
C ALA A 134 -21.12 -11.38 14.65
N LYS A 135 -22.37 -11.72 14.96
CA LYS A 135 -23.29 -10.72 15.48
C LYS A 135 -22.78 -10.12 16.79
N LYS A 136 -22.20 -10.95 17.66
CA LYS A 136 -21.60 -10.44 18.88
C LYS A 136 -20.45 -9.50 18.58
N GLU A 137 -19.54 -9.91 17.70
CA GLU A 137 -18.34 -9.11 17.42
C GLU A 137 -18.69 -7.83 16.69
N ILE A 138 -19.69 -7.87 15.79
CA ILE A 138 -20.14 -6.66 15.12
C ILE A 138 -20.70 -5.67 16.12
N ALA A 139 -21.51 -6.14 17.07
CA ALA A 139 -22.08 -5.26 18.08
C ALA A 139 -21.03 -4.74 19.04
N LEU A 140 -19.94 -5.47 19.24
CA LEU A 140 -18.89 -5.04 20.15
C LEU A 140 -18.00 -3.97 19.54
N TRP A 141 -17.67 -4.10 18.24
CA TRP A 141 -16.71 -3.22 17.59
C TRP A 141 -17.35 -2.04 16.86
N PHE A 142 -18.61 -2.14 16.45
CA PHE A 142 -19.24 -1.13 15.62
C PHE A 142 -20.55 -0.66 16.24
N LYS A 143 -20.74 0.65 16.28
CA LYS A 143 -22.07 1.18 16.53
C LYS A 143 -22.95 0.90 15.31
N PRO A 144 -24.25 0.70 15.51
CA PRO A 144 -25.13 0.40 14.37
C PRO A 144 -25.09 1.47 13.28
N GLU A 145 -24.84 2.72 13.66
N GLU A 145 -24.85 2.73 13.65
CA GLU A 145 -24.81 3.81 12.69
CA GLU A 145 -24.80 3.80 12.67
C GLU A 145 -23.59 3.72 11.77
C GLU A 145 -23.60 3.70 11.74
N GLU A 146 -22.58 2.93 12.14
CA GLU A 146 -21.37 2.81 11.33
C GLU A 146 -21.50 1.79 10.20
N LEU A 147 -22.58 1.01 10.17
CA LEU A 147 -22.83 0.08 9.08
C LEU A 147 -23.61 0.81 7.99
N ILE A 148 -23.05 0.86 6.78
CA ILE A 148 -23.59 1.65 5.68
C ILE A 148 -24.45 0.75 4.80
N SER A 149 -25.67 1.19 4.52
N SER A 149 -25.66 1.19 4.51
CA SER A 149 -26.58 0.46 3.66
CA SER A 149 -26.58 0.45 3.65
C SER A 149 -26.41 0.94 2.21
C SER A 149 -26.43 0.93 2.22
N TRP A 150 -26.10 0.01 1.31
CA TRP A 150 -25.96 0.34 -0.10
C TRP A 150 -26.11 -0.93 -0.92
N LYS A 151 -26.31 -0.73 -2.22
CA LYS A 151 -26.54 -1.81 -3.17
C LYS A 151 -25.41 -1.81 -4.19
N SER A 152 -24.69 -2.91 -4.27
CA SER A 152 -23.59 -3.02 -5.24
C SER A 152 -24.15 -3.03 -6.65
N ALA A 153 -23.48 -2.27 -7.54
CA ALA A 153 -23.92 -2.21 -8.93
C ALA A 153 -23.85 -3.55 -9.65
N THR A 154 -23.05 -4.49 -9.13
CA THR A 154 -22.90 -5.81 -9.74
C THR A 154 -23.53 -6.90 -8.87
N PHE A 155 -24.50 -6.54 -8.02
CA PHE A 155 -25.13 -7.53 -7.15
C PHE A 155 -25.79 -8.64 -7.96
N ASP A 156 -26.50 -8.28 -9.03
CA ASP A 156 -27.19 -9.28 -9.82
C ASP A 156 -26.25 -10.12 -10.69
N TRP A 157 -24.99 -9.75 -10.78
CA TRP A 157 -23.99 -10.57 -11.43
C TRP A 157 -23.18 -11.42 -10.45
N VAL A 158 -23.22 -11.08 -9.17
CA VAL A 158 -22.60 -11.94 -8.16
C VAL A 158 -23.56 -13.01 -7.67
N TYR A 159 -24.86 -12.71 -7.59
CA TYR A 159 -25.86 -13.61 -7.03
C TYR A 159 -26.94 -13.90 -8.05
N GLU A 160 -27.42 -15.14 -8.04
CA GLU A 160 -28.54 -15.55 -8.89
C GLU A 160 -29.86 -15.11 -8.26
N LYS A 161 -30.77 -14.64 -9.10
CA LYS A 161 -32.08 -14.20 -8.64
C LYS A 161 -32.96 -15.39 -8.27
N SER B 9 10.45 20.16 4.78
CA SER B 9 9.17 19.47 4.92
C SER B 9 9.24 18.40 6.00
N MET B 10 8.21 18.37 6.85
CA MET B 10 8.17 17.45 7.98
C MET B 10 7.52 16.13 7.59
N SER B 11 8.01 15.05 8.19
CA SER B 11 7.50 13.71 7.92
C SER B 11 6.14 13.44 8.56
N ASN B 12 5.62 14.36 9.37
CA ASN B 12 4.32 14.19 10.00
C ASN B 12 3.24 15.02 9.31
N GLU B 13 3.50 15.49 8.09
CA GLU B 13 2.47 16.14 7.29
C GLU B 13 1.35 15.15 6.99
N GLN B 14 0.11 15.64 6.97
CA GLN B 14 -1.05 14.79 6.76
C GLN B 14 -1.90 15.33 5.61
N THR B 15 -2.56 14.41 4.91
CA THR B 15 -3.47 14.78 3.84
C THR B 15 -4.72 13.92 3.94
N PHE B 16 -5.82 14.43 3.38
CA PHE B 16 -7.09 13.73 3.36
C PHE B 16 -7.29 13.10 1.98
N ILE B 17 -7.38 11.78 1.95
CA ILE B 17 -7.66 11.04 0.72
C ILE B 17 -8.99 10.33 0.90
N ALA B 18 -9.87 10.45 -0.10
CA ALA B 18 -11.18 9.84 -0.04
C ALA B 18 -11.42 9.04 -1.32
N ILE B 19 -11.90 7.81 -1.17
CA ILE B 19 -12.36 7.02 -2.30
C ILE B 19 -13.83 7.35 -2.54
N LYS B 20 -14.12 7.94 -3.70
CA LYS B 20 -15.46 8.40 -4.01
C LYS B 20 -16.39 7.22 -4.26
N PRO B 21 -17.71 7.45 -4.28
CA PRO B 21 -18.65 6.31 -4.44
C PRO B 21 -18.41 5.47 -5.67
N ASP B 22 -17.92 6.05 -6.78
CA ASP B 22 -17.63 5.23 -7.95
C ASP B 22 -16.44 4.31 -7.71
N GLY B 23 -15.46 4.75 -6.92
CA GLY B 23 -14.35 3.87 -6.57
C GLY B 23 -14.79 2.71 -5.70
N VAL B 24 -15.69 2.96 -4.76
CA VAL B 24 -16.20 1.89 -3.90
C VAL B 24 -17.03 0.92 -4.73
N GLN B 25 -17.93 1.44 -5.57
CA GLN B 25 -18.80 0.59 -6.37
C GLN B 25 -18.01 -0.28 -7.33
N ARG B 26 -16.91 0.22 -7.86
CA ARG B 26 -16.13 -0.51 -8.86
C ARG B 26 -15.05 -1.40 -8.24
N GLY B 27 -15.05 -1.55 -6.92
CA GLY B 27 -14.14 -2.48 -6.27
C GLY B 27 -12.69 -2.06 -6.23
N LEU B 28 -12.43 -0.78 -5.98
CA LEU B 28 -11.08 -0.24 -6.05
C LEU B 28 -10.52 0.16 -4.69
N ILE B 29 -11.17 -0.25 -3.59
CA ILE B 29 -10.71 0.16 -2.27
C ILE B 29 -9.32 -0.40 -1.99
N GLY B 30 -9.16 -1.71 -2.17
CA GLY B 30 -7.89 -2.37 -1.97
C GLY B 30 -6.75 -1.79 -2.79
N PRO B 31 -6.92 -1.71 -4.11
CA PRO B 31 -5.83 -1.16 -4.95
C PRO B 31 -5.43 0.26 -4.58
N ILE B 32 -6.40 1.15 -4.30
CA ILE B 32 -6.06 2.53 -4.00
C ILE B 32 -5.28 2.61 -2.69
N ILE B 33 -5.71 1.88 -1.66
CA ILE B 33 -4.99 1.86 -0.40
C ILE B 33 -3.57 1.34 -0.61
N SER B 34 -3.41 0.33 -1.47
CA SER B 34 -2.09 -0.23 -1.72
C SER B 34 -1.14 0.78 -2.34
N ARG B 35 -1.66 1.72 -3.14
CA ARG B 35 -0.81 2.73 -3.75
C ARG B 35 -0.12 3.58 -2.68
N PHE B 36 -0.88 4.07 -1.71
CA PHE B 36 -0.29 4.86 -0.64
C PHE B 36 0.49 4.00 0.33
N GLU B 37 0.02 2.78 0.59
CA GLU B 37 0.71 1.89 1.51
C GLU B 37 2.09 1.51 0.98
N ASN B 38 2.17 1.10 -0.29
CA ASN B 38 3.44 0.67 -0.85
C ASN B 38 4.42 1.84 -1.01
N ARG B 39 3.90 3.05 -1.17
CA ARG B 39 4.78 4.22 -1.32
C ARG B 39 5.52 4.54 -0.03
N GLY B 40 5.00 4.11 1.12
CA GLY B 40 5.64 4.37 2.40
C GLY B 40 4.89 5.33 3.29
N PHE B 41 3.70 5.78 2.89
CA PHE B 41 2.93 6.66 3.74
C PHE B 41 2.21 5.86 4.82
N LYS B 42 1.87 6.55 5.92
CA LYS B 42 1.28 5.92 7.08
C LYS B 42 -0.21 6.25 7.15
N LEU B 43 -1.04 5.21 7.27
CA LEU B 43 -2.47 5.40 7.46
C LEU B 43 -2.74 5.70 8.92
N VAL B 44 -3.27 6.89 9.20
N VAL B 44 -3.26 6.90 9.19
CA VAL B 44 -3.54 7.30 10.57
CA VAL B 44 -3.55 7.35 10.54
C VAL B 44 -5.04 7.40 10.89
C VAL B 44 -5.04 7.21 10.86
N ALA B 45 -5.90 7.43 9.87
CA ALA B 45 -7.33 7.41 10.11
C ALA B 45 -8.03 6.85 8.88
N MET B 46 -9.11 6.10 9.10
CA MET B 46 -9.90 5.57 7.99
C MET B 46 -11.28 5.20 8.51
N LYS B 47 -12.29 5.41 7.68
CA LYS B 47 -13.65 4.98 7.99
C LYS B 47 -14.50 5.01 6.74
N LEU B 48 -15.35 4.00 6.58
CA LEU B 48 -16.39 4.03 5.56
C LEU B 48 -17.57 4.82 6.10
N VAL B 49 -17.96 5.88 5.39
N VAL B 49 -17.97 5.88 5.38
CA VAL B 49 -18.99 6.79 5.83
CA VAL B 49 -18.96 6.83 5.87
C VAL B 49 -19.90 7.13 4.67
C VAL B 49 -19.85 7.27 4.71
N SER B 50 -21.15 7.47 5.00
CA SER B 50 -22.12 8.00 4.06
C SER B 50 -22.51 9.38 4.56
N PRO B 51 -21.69 10.40 4.34
CA PRO B 51 -21.87 11.69 5.03
C PRO B 51 -23.09 12.43 4.52
N PRO B 52 -23.66 13.32 5.33
CA PRO B 52 -24.84 14.07 4.90
C PRO B 52 -24.50 15.10 3.83
N GLN B 53 -25.54 15.56 3.15
CA GLN B 53 -25.35 16.52 2.07
C GLN B 53 -24.66 17.79 2.56
N SER B 54 -24.99 18.23 3.78
CA SER B 54 -24.40 19.46 4.30
C SER B 54 -22.88 19.37 4.40
N GLN B 55 -22.37 18.20 4.84
CA GLN B 55 -20.93 18.03 4.95
C GLN B 55 -20.27 18.03 3.58
N LEU B 56 -20.91 17.40 2.59
CA LEU B 56 -20.32 17.35 1.25
C LEU B 56 -20.32 18.72 0.59
N GLU B 57 -21.37 19.51 0.81
CA GLU B 57 -21.40 20.86 0.26
C GLU B 57 -20.36 21.76 0.92
N GLN B 58 -20.09 21.55 2.21
CA GLN B 58 -19.02 22.31 2.87
C GLN B 58 -17.66 21.86 2.38
N HIS B 59 -17.49 20.56 2.14
CA HIS B 59 -16.24 20.05 1.60
C HIS B 59 -15.90 20.71 0.27
N TYR B 60 -16.90 20.87 -0.59
CA TYR B 60 -16.73 21.49 -1.91
C TYR B 60 -17.25 22.92 -1.94
N ALA B 61 -17.10 23.65 -0.82
CA ALA B 61 -17.69 24.99 -0.73
C ALA B 61 -17.13 25.95 -1.77
N ASP B 62 -15.85 25.80 -2.12
CA ASP B 62 -15.23 26.69 -3.09
C ASP B 62 -15.78 26.51 -4.50
N LEU B 63 -16.54 25.44 -4.76
CA LEU B 63 -17.09 25.16 -6.07
C LEU B 63 -18.61 25.39 -6.12
N SER B 64 -19.16 26.10 -5.14
CA SER B 64 -20.60 26.26 -5.04
C SER B 64 -21.19 27.04 -6.20
N ASP B 65 -20.38 27.84 -6.91
CA ASP B 65 -20.87 28.58 -8.07
C ASP B 65 -20.66 27.84 -9.38
N LYS B 66 -19.95 26.71 -9.36
CA LYS B 66 -19.72 25.95 -10.59
C LYS B 66 -21.03 25.32 -11.07
N PRO B 67 -21.20 25.21 -12.39
CA PRO B 67 -22.43 24.58 -12.91
C PRO B 67 -22.54 23.10 -12.58
N PHE B 68 -21.43 22.42 -12.32
CA PHE B 68 -21.45 21.00 -11.99
C PHE B 68 -21.55 20.73 -10.48
N PHE B 69 -21.84 21.76 -9.68
CA PHE B 69 -21.81 21.60 -8.23
C PHE B 69 -22.89 20.65 -7.75
N LYS B 70 -24.13 20.86 -8.19
CA LYS B 70 -25.24 20.07 -7.70
C LYS B 70 -25.13 18.61 -8.14
N GLY B 71 -24.65 18.39 -9.37
CA GLY B 71 -24.40 17.02 -9.80
C GLY B 71 -23.25 16.38 -9.06
N LEU B 72 -22.23 17.16 -8.69
CA LEU B 72 -21.14 16.63 -7.90
C LEU B 72 -21.60 16.20 -6.52
N VAL B 73 -22.41 17.03 -5.86
CA VAL B 73 -22.90 16.71 -4.53
C VAL B 73 -23.81 15.49 -4.56
N SER B 74 -24.70 15.42 -5.56
N SER B 74 -24.70 15.42 -5.56
CA SER B 74 -25.63 14.29 -5.64
CA SER B 74 -25.62 14.30 -5.66
C SER B 74 -24.88 12.99 -5.91
C SER B 74 -24.88 12.99 -5.89
N TYR B 75 -23.81 13.04 -6.70
CA TYR B 75 -23.03 11.84 -6.96
C TYR B 75 -22.19 11.43 -5.76
N MET B 76 -21.66 12.41 -5.03
CA MET B 76 -20.95 12.10 -3.78
C MET B 76 -21.87 11.51 -2.73
N LEU B 77 -23.18 11.78 -2.82
CA LEU B 77 -24.16 11.20 -1.91
C LEU B 77 -24.66 9.83 -2.34
N SER B 78 -24.36 9.41 -3.58
CA SER B 78 -25.00 8.24 -4.16
C SER B 78 -24.44 6.91 -3.67
N GLY B 79 -23.35 6.91 -2.91
CA GLY B 79 -22.78 5.70 -2.40
C GLY B 79 -21.81 5.94 -1.26
N PRO B 80 -21.29 4.87 -0.67
CA PRO B 80 -20.35 5.03 0.44
C PRO B 80 -19.04 5.65 -0.01
N ILE B 81 -18.36 6.27 0.94
CA ILE B 81 -17.06 6.88 0.72
C ILE B 81 -16.08 6.31 1.73
N CYS B 82 -14.86 6.00 1.29
CA CYS B 82 -13.80 5.55 2.18
C CYS B 82 -12.90 6.76 2.48
N ALA B 83 -13.13 7.38 3.64
CA ALA B 83 -12.38 8.56 4.04
C ALA B 83 -11.10 8.14 4.76
N MET B 84 -9.98 8.76 4.41
CA MET B 84 -8.69 8.36 4.93
C MET B 84 -7.83 9.58 5.23
N VAL B 85 -6.96 9.44 6.22
CA VAL B 85 -5.92 10.42 6.51
C VAL B 85 -4.58 9.70 6.41
N TRP B 86 -3.71 10.17 5.52
CA TRP B 86 -2.38 9.61 5.33
C TRP B 86 -1.33 10.60 5.79
N GLU B 87 -0.25 10.08 6.36
CA GLU B 87 0.80 10.90 6.95
C GLU B 87 2.15 10.55 6.35
N GLY B 88 2.92 11.57 6.00
CA GLY B 88 4.23 11.37 5.44
C GLY B 88 4.78 12.68 4.91
N ARG B 89 6.07 12.66 4.61
CA ARG B 89 6.74 13.85 4.09
C ARG B 89 6.15 14.21 2.73
N ASP B 90 5.67 15.44 2.60
CA ASP B 90 5.10 15.95 1.35
CA ASP B 90 5.10 15.95 1.35
C ASP B 90 3.97 15.05 0.85
N VAL B 91 3.20 14.50 1.79
CA VAL B 91 2.13 13.58 1.42
C VAL B 91 1.01 14.30 0.67
N VAL B 92 0.84 15.60 0.89
CA VAL B 92 -0.18 16.35 0.15
C VAL B 92 0.17 16.40 -1.33
N LYS B 93 1.35 16.92 -1.66
CA LYS B 93 1.75 17.05 -3.06
C LYS B 93 1.91 15.69 -3.72
N THR B 94 2.67 14.79 -3.07
CA THR B 94 2.89 13.47 -3.65
C THR B 94 1.59 12.69 -3.75
N GLY B 95 0.68 12.86 -2.80
CA GLY B 95 -0.63 12.22 -2.91
C GLY B 95 -1.38 12.66 -4.15
N ARG B 96 -1.34 13.95 -4.45
CA ARG B 96 -1.96 14.45 -5.68
C ARG B 96 -1.32 13.85 -6.92
N THR B 97 0.01 13.68 -6.89
CA THR B 97 0.69 13.05 -8.02
C THR B 97 0.28 11.59 -8.16
N ILE B 98 0.10 10.89 -7.05
CA ILE B 98 -0.34 9.50 -7.11
C ILE B 98 -1.76 9.40 -7.67
N LEU B 99 -2.64 10.34 -7.29
CA LEU B 99 -4.01 10.30 -7.79
C LEU B 99 -4.05 10.59 -9.29
N GLY B 100 -3.18 11.48 -9.77
CA GLY B 100 -3.20 11.89 -11.17
C GLY B 100 -4.06 13.13 -11.37
N ALA B 101 -4.07 13.57 -12.63
CA ALA B 101 -4.78 14.79 -12.98
C ALA B 101 -6.27 14.66 -12.68
N THR B 102 -6.88 15.79 -12.32
CA THR B 102 -8.30 15.83 -11.97
C THR B 102 -9.15 15.22 -13.08
N ASN B 103 -8.92 15.66 -14.31
CA ASN B 103 -9.55 15.03 -15.46
C ASN B 103 -8.73 13.80 -15.87
N PRO B 104 -9.30 12.60 -15.78
CA PRO B 104 -8.51 11.40 -16.12
C PRO B 104 -8.00 11.39 -17.55
N LEU B 105 -8.62 12.14 -18.46
CA LEU B 105 -8.12 12.23 -19.82
C LEU B 105 -6.70 12.79 -19.86
N ALA B 106 -6.36 13.65 -18.91
CA ALA B 106 -5.03 14.25 -18.83
C ALA B 106 -4.10 13.51 -17.87
N SER B 107 -4.57 12.43 -17.26
CA SER B 107 -3.77 11.70 -16.28
C SER B 107 -2.84 10.71 -16.98
N ALA B 108 -1.75 10.40 -16.29
CA ALA B 108 -0.76 9.48 -16.85
C ALA B 108 -0.97 8.07 -16.32
N PRO B 109 -0.81 7.05 -17.17
CA PRO B 109 -0.83 5.67 -16.68
C PRO B 109 0.21 5.49 -15.59
N GLY B 110 -0.15 4.71 -14.56
CA GLY B 110 0.62 4.58 -13.36
C GLY B 110 0.05 5.32 -12.17
N THR B 111 -0.73 6.37 -12.42
CA THR B 111 -1.51 7.01 -11.38
C THR B 111 -2.85 6.29 -11.20
N ILE B 112 -3.55 6.63 -10.13
CA ILE B 112 -4.83 5.99 -9.85
C ILE B 112 -5.83 6.28 -10.97
N ARG B 113 -6.01 7.56 -11.29
CA ARG B 113 -6.94 7.92 -12.36
C ARG B 113 -6.42 7.50 -13.72
N GLY B 114 -5.09 7.46 -13.90
CA GLY B 114 -4.52 6.98 -15.14
C GLY B 114 -4.70 5.50 -15.36
N ASP B 115 -4.99 4.75 -14.29
CA ASP B 115 -5.22 3.32 -14.39
C ASP B 115 -6.69 2.92 -14.30
N PHE B 116 -7.55 3.76 -13.73
CA PHE B 116 -8.89 3.32 -13.34
C PHE B 116 -10.04 4.23 -13.74
N ALA B 117 -9.80 5.44 -14.23
CA ALA B 117 -10.87 6.40 -14.43
C ALA B 117 -10.83 6.99 -15.83
N ILE B 118 -11.99 7.52 -16.26
CA ILE B 118 -12.14 8.09 -17.60
C ILE B 118 -12.76 9.48 -17.53
N ASP B 119 -13.86 9.62 -16.79
N ASP B 119 -13.85 9.61 -16.77
CA ASP B 119 -14.60 10.87 -16.73
CA ASP B 119 -14.61 10.85 -16.71
C ASP B 119 -14.18 11.70 -15.53
C ASP B 119 -14.16 11.70 -15.52
N VAL B 120 -14.13 13.02 -15.72
CA VAL B 120 -13.77 13.92 -14.64
C VAL B 120 -14.86 13.94 -13.57
N GLY B 121 -16.12 13.73 -13.96
CA GLY B 121 -17.18 13.59 -12.99
C GLY B 121 -17.19 12.25 -12.27
N ARG B 122 -16.32 11.32 -12.67
CA ARG B 122 -16.19 10.01 -12.03
C ARG B 122 -14.71 9.66 -11.90
N ASN B 123 -13.96 10.49 -11.15
CA ASN B 123 -12.52 10.30 -11.03
C ASN B 123 -12.12 9.50 -9.79
N VAL B 124 -13.06 8.73 -9.24
N VAL B 124 -13.06 8.74 -9.22
CA VAL B 124 -12.76 7.64 -8.30
CA VAL B 124 -12.86 7.65 -8.27
C VAL B 124 -12.31 8.13 -6.93
C VAL B 124 -12.15 8.04 -6.97
N CYS B 125 -11.47 9.17 -6.89
N CYS B 125 -11.59 9.25 -6.88
CA CYS B 125 -10.82 9.54 -5.64
CA CYS B 125 -10.83 9.57 -5.68
C CYS B 125 -10.77 11.06 -5.48
C CYS B 125 -10.75 11.08 -5.49
N HIS B 126 -10.48 11.48 -4.25
CA HIS B 126 -10.25 12.87 -3.90
C HIS B 126 -8.98 12.98 -3.07
N GLY B 127 -8.26 14.07 -3.25
CA GLY B 127 -7.09 14.35 -2.43
C GLY B 127 -6.95 15.83 -2.14
N SER B 128 -6.52 16.17 -0.92
CA SER B 128 -6.34 17.57 -0.56
C SER B 128 -5.31 18.23 -1.47
N ASP B 129 -5.61 19.46 -1.90
CA ASP B 129 -4.75 20.18 -2.84
C ASP B 129 -3.68 21.01 -2.16
N SER B 130 -3.78 21.25 -0.86
CA SER B 130 -2.79 22.04 -0.15
C SER B 130 -2.78 21.62 1.32
N VAL B 131 -1.69 21.99 2.01
CA VAL B 131 -1.53 21.63 3.41
C VAL B 131 -2.64 22.26 4.25
N GLU B 132 -2.96 23.53 3.99
CA GLU B 132 -3.98 24.20 4.78
C GLU B 132 -5.37 23.65 4.49
N ASN B 133 -5.68 23.36 3.22
CA ASN B 133 -6.93 22.71 2.90
C ASN B 133 -6.97 21.28 3.47
N ALA B 134 -5.82 20.62 3.55
CA ALA B 134 -5.78 19.30 4.16
C ALA B 134 -6.18 19.37 5.64
N LYS B 135 -5.62 20.33 6.37
CA LYS B 135 -5.98 20.50 7.78
C LYS B 135 -7.47 20.78 7.94
N LYS B 136 -8.05 21.56 7.03
CA LYS B 136 -9.47 21.86 7.11
C LYS B 136 -10.32 20.63 6.79
N GLU B 137 -9.94 19.88 5.76
CA GLU B 137 -10.73 18.71 5.37
C GLU B 137 -10.65 17.61 6.41
N ILE B 138 -9.47 17.41 7.01
CA ILE B 138 -9.31 16.40 8.05
C ILE B 138 -10.20 16.72 9.24
N ALA B 139 -10.24 17.99 9.66
CA ALA B 139 -11.09 18.37 10.78
C ALA B 139 -12.57 18.27 10.41
N LEU B 140 -12.91 18.47 9.14
CA LEU B 140 -14.30 18.37 8.72
C LEU B 140 -14.80 16.94 8.74
N TRP B 141 -13.97 16.00 8.28
CA TRP B 141 -14.40 14.62 8.11
C TRP B 141 -14.15 13.74 9.34
N PHE B 142 -13.17 14.08 10.18
CA PHE B 142 -12.75 13.22 11.27
C PHE B 142 -12.78 13.97 12.61
N LYS B 143 -13.15 13.25 13.66
CA LYS B 143 -12.96 13.71 15.02
C LYS B 143 -11.51 13.50 15.44
N PRO B 144 -10.99 14.28 16.39
CA PRO B 144 -9.58 14.12 16.78
C PRO B 144 -9.26 12.71 17.27
N GLU B 145 -10.16 12.07 18.02
CA GLU B 145 -9.90 10.75 18.53
C GLU B 145 -9.91 9.67 17.46
N GLU B 146 -10.34 10.00 16.23
CA GLU B 146 -10.31 9.03 15.14
C GLU B 146 -8.96 8.96 14.45
N LEU B 147 -8.04 9.87 14.75
CA LEU B 147 -6.68 9.81 14.23
C LEU B 147 -5.83 9.00 15.21
N ILE B 148 -5.23 7.91 14.73
CA ILE B 148 -4.52 6.95 15.57
C ILE B 148 -3.03 7.28 15.54
N SER B 149 -2.43 7.36 16.72
CA SER B 149 -1.00 7.62 16.83
C SER B 149 -0.25 6.30 16.91
N TRP B 150 0.63 6.05 15.94
CA TRP B 150 1.47 4.86 15.98
C TRP B 150 2.74 5.13 15.18
N LYS B 151 3.70 4.23 15.32
CA LYS B 151 5.01 4.35 14.66
C LYS B 151 5.25 3.09 13.84
N SER B 152 5.47 3.28 12.53
CA SER B 152 5.72 2.16 11.64
C SER B 152 7.07 1.51 11.96
N ALA B 153 7.11 0.18 11.87
CA ALA B 153 8.34 -0.56 12.13
C ALA B 153 9.43 -0.27 11.11
N THR B 154 9.07 0.26 9.94
CA THR B 154 10.04 0.57 8.89
C THR B 154 10.22 2.07 8.70
N PHE B 155 9.91 2.85 9.73
CA PHE B 155 10.03 4.30 9.64
C PHE B 155 11.46 4.72 9.29
N ASP B 156 12.44 4.15 9.99
CA ASP B 156 13.83 4.50 9.75
C ASP B 156 14.36 4.00 8.42
N TRP B 157 13.64 3.10 7.75
CA TRP B 157 14.03 2.66 6.41
C TRP B 157 13.34 3.44 5.31
N VAL B 158 12.27 4.15 5.63
CA VAL B 158 11.64 5.03 4.65
C VAL B 158 12.22 6.44 4.70
N TYR B 159 12.60 6.92 5.89
CA TYR B 159 13.08 8.28 6.07
C TYR B 159 14.51 8.27 6.60
N GLU B 160 15.31 9.21 6.09
CA GLU B 160 16.69 9.35 6.55
C GLU B 160 16.76 10.03 7.91
N LYS B 161 15.92 11.03 8.14
CA LYS B 161 15.90 11.72 9.42
C LYS B 161 14.47 11.88 9.95
N SER C 9 22.44 1.17 -28.50
CA SER C 9 22.24 0.60 -29.83
C SER C 9 22.54 -0.90 -29.83
N MET C 10 23.54 -1.30 -29.05
CA MET C 10 23.95 -2.69 -28.95
C MET C 10 23.15 -3.39 -27.85
N SER C 11 22.61 -4.57 -28.16
CA SER C 11 21.77 -5.30 -27.23
C SER C 11 22.56 -5.95 -26.10
N ASN C 12 23.89 -5.97 -26.17
CA ASN C 12 24.71 -6.56 -25.13
C ASN C 12 25.19 -5.53 -24.11
N GLU C 13 24.65 -4.32 -24.14
CA GLU C 13 25.00 -3.31 -23.15
C GLU C 13 24.58 -3.78 -21.76
N GLN C 14 25.41 -3.49 -20.76
CA GLN C 14 25.17 -3.92 -19.39
C GLN C 14 25.17 -2.73 -18.46
N THR C 15 24.40 -2.85 -17.37
CA THR C 15 24.36 -1.82 -16.33
C THR C 15 24.34 -2.50 -14.98
N PHE C 16 24.74 -1.75 -13.95
CA PHE C 16 24.75 -2.22 -12.58
C PHE C 16 23.55 -1.68 -11.84
N ILE C 17 22.67 -2.57 -11.40
CA ILE C 17 21.51 -2.22 -10.59
C ILE C 17 21.68 -2.86 -9.22
N ALA C 18 21.49 -2.07 -8.17
CA ALA C 18 21.62 -2.55 -6.81
C ALA C 18 20.35 -2.19 -6.04
N ILE C 19 19.84 -3.17 -5.28
CA ILE C 19 18.76 -2.91 -4.33
C ILE C 19 19.42 -2.52 -3.01
N LYS C 20 19.17 -1.29 -2.57
CA LYS C 20 19.81 -0.77 -1.38
C LYS C 20 19.21 -1.41 -0.12
N PRO C 21 19.87 -1.26 1.03
CA PRO C 21 19.38 -1.95 2.24
C PRO C 21 17.94 -1.62 2.61
N ASP C 22 17.48 -0.40 2.34
CA ASP C 22 16.07 -0.09 2.62
C ASP C 22 15.12 -0.87 1.73
N GLY C 23 15.54 -1.15 0.48
CA GLY C 23 14.72 -1.97 -0.40
C GLY C 23 14.66 -3.41 0.05
N VAL C 24 15.79 -3.94 0.53
CA VAL C 24 15.81 -5.31 1.07
C VAL C 24 14.95 -5.39 2.33
N GLN C 25 15.09 -4.41 3.23
CA GLN C 25 14.37 -4.45 4.50
C GLN C 25 12.87 -4.36 4.30
N ARG C 26 12.42 -3.58 3.31
CA ARG C 26 11.00 -3.39 3.06
C ARG C 26 10.41 -4.43 2.13
N GLY C 27 11.15 -5.50 1.83
CA GLY C 27 10.62 -6.61 1.06
C GLY C 27 10.31 -6.29 -0.39
N LEU C 28 11.23 -5.61 -1.07
CA LEU C 28 11.00 -5.15 -2.44
C LEU C 28 11.92 -5.84 -3.46
N ILE C 29 12.62 -6.90 -3.07
CA ILE C 29 13.52 -7.57 -3.99
C ILE C 29 12.75 -8.14 -5.18
N GLY C 30 11.68 -8.87 -4.90
CA GLY C 30 10.83 -9.43 -5.93
C GLY C 30 10.27 -8.41 -6.90
N PRO C 31 9.54 -7.41 -6.39
CA PRO C 31 8.96 -6.41 -7.31
C PRO C 31 9.99 -5.68 -8.16
N ILE C 32 11.17 -5.38 -7.61
CA ILE C 32 12.18 -4.64 -8.37
C ILE C 32 12.73 -5.50 -9.49
N ILE C 33 13.08 -6.75 -9.19
CA ILE C 33 13.55 -7.67 -10.21
C ILE C 33 12.49 -7.85 -11.30
N SER C 34 11.22 -7.89 -10.91
CA SER C 34 10.16 -8.07 -11.89
C SER C 34 10.07 -6.90 -12.87
N ARG C 35 10.41 -5.69 -12.43
CA ARG C 35 10.35 -4.53 -13.32
C ARG C 35 11.31 -4.72 -14.50
N PHE C 36 12.55 -5.12 -14.22
CA PHE C 36 13.52 -5.36 -15.29
C PHE C 36 13.23 -6.65 -16.03
N GLU C 37 12.72 -7.67 -15.34
CA GLU C 37 12.41 -8.93 -15.99
C GLU C 37 11.27 -8.76 -17.00
N ASN C 38 10.19 -8.10 -16.58
CA ASN C 38 9.03 -7.94 -17.47
C ASN C 38 9.34 -7.02 -18.64
N ARG C 39 10.27 -6.08 -18.46
CA ARG C 39 10.62 -5.15 -19.54
C ARG C 39 11.30 -5.86 -20.70
N GLY C 40 11.98 -6.98 -20.41
CA GLY C 40 12.70 -7.72 -21.43
C GLY C 40 14.20 -7.74 -21.25
N PHE C 41 14.73 -7.16 -20.18
CA PHE C 41 16.16 -7.19 -19.96
C PHE C 41 16.59 -8.52 -19.37
N LYS C 42 17.86 -8.86 -19.58
CA LYS C 42 18.40 -10.15 -19.19
C LYS C 42 19.29 -10.00 -17.96
N LEU C 43 18.99 -10.78 -16.93
CA LEU C 43 19.83 -10.82 -15.73
C LEU C 43 21.03 -11.71 -16.01
N VAL C 44 22.23 -11.15 -15.90
CA VAL C 44 23.46 -11.91 -16.16
C VAL C 44 24.32 -12.09 -14.93
N ALA C 45 24.00 -11.41 -13.83
CA ALA C 45 24.75 -11.57 -12.58
C ALA C 45 23.90 -11.02 -11.44
N MET C 46 23.94 -11.72 -10.30
CA MET C 46 23.22 -11.27 -9.11
C MET C 46 23.82 -11.95 -7.89
N LYS C 47 23.87 -11.21 -6.78
CA LYS C 47 24.33 -11.77 -5.51
C LYS C 47 23.91 -10.85 -4.38
N LEU C 48 23.55 -11.46 -3.25
CA LEU C 48 23.29 -10.72 -2.02
C LEU C 48 24.59 -10.55 -1.26
N VAL C 49 25.02 -9.30 -1.05
CA VAL C 49 26.31 -9.02 -0.46
C VAL C 49 26.18 -7.96 0.63
N SER C 50 27.16 -7.96 1.54
CA SER C 50 27.31 -6.93 2.56
C SER C 50 28.73 -6.38 2.42
N PRO C 51 28.96 -5.52 1.42
CA PRO C 51 30.33 -5.10 1.07
C PRO C 51 30.95 -4.23 2.15
N PRO C 52 32.27 -4.21 2.26
CA PRO C 52 32.91 -3.39 3.29
C PRO C 52 32.80 -1.90 2.97
N GLN C 53 33.06 -1.09 4.00
CA GLN C 53 32.95 0.37 3.85
C GLN C 53 33.89 0.90 2.79
N SER C 54 35.04 0.25 2.59
CA SER C 54 35.99 0.72 1.59
C SER C 54 35.44 0.57 0.18
N GLN C 55 34.71 -0.51 -0.08
CA GLN C 55 34.12 -0.70 -1.40
C GLN C 55 33.01 0.32 -1.66
N LEU C 56 32.19 0.61 -0.65
CA LEU C 56 31.11 1.58 -0.84
C LEU C 56 31.64 2.99 -1.04
N GLU C 57 32.76 3.34 -0.39
CA GLU C 57 33.37 4.64 -0.63
C GLU C 57 34.00 4.70 -2.00
N GLN C 58 34.46 3.56 -2.52
CA GLN C 58 34.89 3.50 -3.91
C GLN C 58 33.72 3.72 -4.85
N HIS C 59 32.58 3.06 -4.56
CA HIS C 59 31.41 3.15 -5.43
C HIS C 59 30.91 4.58 -5.54
N TYR C 60 30.94 5.33 -4.44
CA TYR C 60 30.48 6.71 -4.38
C TYR C 60 31.66 7.68 -4.26
N ALA C 61 32.78 7.36 -4.92
CA ALA C 61 33.99 8.16 -4.77
C ALA C 61 33.80 9.59 -5.26
N ASP C 62 33.00 9.78 -6.32
CA ASP C 62 32.78 11.12 -6.84
C ASP C 62 31.95 12.01 -5.92
N LEU C 63 31.34 11.43 -4.87
CA LEU C 63 30.54 12.19 -3.91
C LEU C 63 31.24 12.34 -2.58
N SER C 64 32.56 12.12 -2.52
CA SER C 64 33.28 12.13 -1.25
C SER C 64 33.23 13.49 -0.56
N ASP C 65 33.02 14.57 -1.31
CA ASP C 65 32.97 15.91 -0.73
C ASP C 65 31.56 16.38 -0.43
N LYS C 66 30.55 15.58 -0.77
CA LYS C 66 29.18 15.96 -0.47
C LYS C 66 28.93 15.89 1.05
N PRO C 67 28.07 16.78 1.57
CA PRO C 67 27.77 16.73 3.01
C PRO C 67 27.00 15.51 3.44
N PHE C 68 26.31 14.82 2.52
CA PHE C 68 25.57 13.62 2.83
C PHE C 68 26.37 12.34 2.57
N PHE C 69 27.67 12.47 2.30
CA PHE C 69 28.48 11.30 1.96
C PHE C 69 28.57 10.33 3.13
N LYS C 70 28.87 10.84 4.33
CA LYS C 70 29.03 9.96 5.49
C LYS C 70 27.73 9.23 5.82
N GLY C 71 26.61 9.96 5.77
CA GLY C 71 25.32 9.31 6.03
C GLY C 71 24.96 8.30 4.96
N LEU C 72 25.29 8.61 3.70
CA LEU C 72 25.01 7.67 2.61
C LEU C 72 25.78 6.38 2.77
N VAL C 73 27.08 6.46 3.07
CA VAL C 73 27.89 5.26 3.21
C VAL C 73 27.44 4.44 4.41
N SER C 74 27.12 5.11 5.53
CA SER C 74 26.65 4.39 6.70
C SER C 74 25.33 3.68 6.42
N TYR C 75 24.42 4.35 5.70
CA TYR C 75 23.14 3.74 5.38
C TYR C 75 23.30 2.57 4.42
N MET C 76 24.24 2.67 3.48
CA MET C 76 24.52 1.56 2.58
C MET C 76 25.16 0.38 3.29
N LEU C 77 25.75 0.60 4.48
CA LEU C 77 26.32 -0.47 5.28
C LEU C 77 25.33 -1.09 6.26
N SER C 78 24.16 -0.47 6.43
CA SER C 78 23.23 -0.86 7.49
C SER C 78 22.46 -2.14 7.18
N GLY C 79 22.59 -2.69 5.98
CA GLY C 79 21.87 -3.90 5.63
C GLY C 79 22.41 -4.55 4.37
N PRO C 80 21.86 -5.70 4.01
CA PRO C 80 22.31 -6.39 2.80
C PRO C 80 21.94 -5.61 1.55
N ILE C 81 22.69 -5.87 0.49
CA ILE C 81 22.50 -5.24 -0.81
C ILE C 81 22.35 -6.34 -1.84
N CYS C 82 21.38 -6.21 -2.73
CA CYS C 82 21.19 -7.14 -3.84
C CYS C 82 21.85 -6.53 -5.08
N ALA C 83 23.07 -6.95 -5.37
CA ALA C 83 23.80 -6.45 -6.52
C ALA C 83 23.41 -7.24 -7.77
N MET C 84 23.18 -6.53 -8.87
CA MET C 84 22.72 -7.15 -10.11
C MET C 84 23.40 -6.51 -11.31
N VAL C 85 23.53 -7.30 -12.37
CA VAL C 85 23.94 -6.81 -13.69
C VAL C 85 22.85 -7.19 -14.68
N TRP C 86 22.27 -6.21 -15.35
CA TRP C 86 21.24 -6.43 -16.36
C TRP C 86 21.78 -6.05 -17.73
N GLU C 87 21.40 -6.83 -18.75
CA GLU C 87 21.92 -6.69 -20.10
C GLU C 87 20.77 -6.45 -21.07
N GLY C 88 20.94 -5.47 -21.95
CA GLY C 88 19.91 -5.16 -22.94
C GLY C 88 20.24 -3.87 -23.64
N ARG C 89 19.53 -3.64 -24.74
CA ARG C 89 19.73 -2.44 -25.53
C ARG C 89 19.35 -1.20 -24.72
N ASP C 90 20.30 -0.27 -24.59
N ASP C 90 20.30 -0.28 -24.57
CA ASP C 90 20.09 0.97 -23.84
CA ASP C 90 20.09 0.97 -23.83
C ASP C 90 19.64 0.71 -22.40
C ASP C 90 19.62 0.69 -22.40
N VAL C 91 20.13 -0.39 -21.82
CA VAL C 91 19.71 -0.77 -20.47
C VAL C 91 20.20 0.23 -19.43
N VAL C 92 21.27 0.97 -19.69
CA VAL C 92 21.75 1.97 -18.75
C VAL C 92 20.74 3.11 -18.63
N LYS C 93 20.40 3.72 -19.77
CA LYS C 93 19.48 4.86 -19.75
C LYS C 93 18.06 4.44 -19.39
N THR C 94 17.58 3.35 -20.00
CA THR C 94 16.24 2.86 -19.69
C THR C 94 16.16 2.38 -18.24
N GLY C 95 17.23 1.77 -17.74
CA GLY C 95 17.26 1.37 -16.35
C GLY C 95 17.04 2.54 -15.40
N ARG C 96 17.68 3.67 -15.70
CA ARG C 96 17.46 4.87 -14.89
C ARG C 96 16.02 5.35 -14.97
N THR C 97 15.41 5.23 -16.16
CA THR C 97 14.02 5.64 -16.31
C THR C 97 13.09 4.73 -15.51
N ILE C 98 13.41 3.44 -15.45
CA ILE C 98 12.60 2.51 -14.66
C ILE C 98 12.72 2.82 -13.18
N LEU C 99 13.93 3.16 -12.71
CA LEU C 99 14.12 3.49 -11.30
C LEU C 99 13.38 4.77 -10.93
N GLY C 100 13.36 5.73 -11.83
CA GLY C 100 12.78 7.04 -11.54
C GLY C 100 13.82 8.03 -11.07
N ALA C 101 13.36 9.25 -10.84
CA ALA C 101 14.24 10.34 -10.44
C ALA C 101 14.96 10.01 -9.13
N THR C 102 16.19 10.52 -9.02
CA THR C 102 16.99 10.27 -7.82
C THR C 102 16.23 10.67 -6.56
N ASN C 103 15.63 11.85 -6.57
CA ASN C 103 14.74 12.26 -5.49
C ASN C 103 13.34 11.73 -5.77
N PRO C 104 12.82 10.81 -4.95
CA PRO C 104 11.47 10.27 -5.21
C PRO C 104 10.40 11.33 -5.25
N LEU C 105 10.60 12.48 -4.59
CA LEU C 105 9.67 13.59 -4.70
C LEU C 105 9.45 13.98 -6.16
N ALA C 106 10.48 13.87 -6.99
CA ALA C 106 10.41 14.24 -8.39
C ALA C 106 10.09 13.06 -9.31
N SER C 107 9.96 11.85 -8.77
CA SER C 107 9.73 10.69 -9.60
C SER C 107 8.24 10.56 -9.95
N ALA C 108 7.97 9.81 -11.00
CA ALA C 108 6.59 9.62 -11.44
C ALA C 108 6.07 8.26 -11.00
N PRO C 109 4.79 8.19 -10.61
CA PRO C 109 4.18 6.87 -10.37
C PRO C 109 4.33 5.97 -11.59
N GLY C 110 4.57 4.69 -11.33
CA GLY C 110 4.91 3.74 -12.36
C GLY C 110 6.38 3.37 -12.40
N THR C 111 7.25 4.23 -11.89
CA THR C 111 8.65 3.89 -11.68
C THR C 111 8.83 3.24 -10.32
N ILE C 112 10.02 2.68 -10.09
CA ILE C 112 10.28 2.01 -8.82
C ILE C 112 10.20 2.99 -7.67
N ARG C 113 10.95 4.10 -7.75
CA ARG C 113 10.92 5.09 -6.69
C ARG C 113 9.58 5.82 -6.63
N GLY C 114 8.91 5.97 -7.77
CA GLY C 114 7.59 6.57 -7.78
C GLY C 114 6.51 5.70 -7.17
N ASP C 115 6.76 4.38 -7.08
CA ASP C 115 5.81 3.48 -6.44
C ASP C 115 6.17 3.14 -5.01
N PHE C 116 7.45 3.26 -4.61
CA PHE C 116 7.89 2.67 -3.36
C PHE C 116 8.72 3.59 -2.44
N ALA C 117 9.18 4.74 -2.90
CA ALA C 117 10.11 5.54 -2.11
C ALA C 117 9.62 6.96 -1.91
N ILE C 118 10.18 7.63 -0.90
CA ILE C 118 9.78 8.98 -0.54
C ILE C 118 10.99 9.88 -0.37
N ASP C 119 11.97 9.43 0.42
N ASP C 119 11.97 9.42 0.40
CA ASP C 119 13.15 10.24 0.73
CA ASP C 119 13.15 10.22 0.73
C ASP C 119 14.29 9.92 -0.21
C ASP C 119 14.29 9.92 -0.25
N VAL C 120 15.03 10.97 -0.60
CA VAL C 120 16.19 10.78 -1.48
C VAL C 120 17.28 9.97 -0.78
N GLY C 121 17.41 10.13 0.53
CA GLY C 121 18.36 9.31 1.29
C GLY C 121 17.92 7.87 1.48
N ARG C 122 16.71 7.53 1.05
CA ARG C 122 16.19 6.16 1.11
C ARG C 122 15.46 5.86 -0.21
N ASN C 123 16.19 5.90 -1.32
CA ASN C 123 15.60 5.72 -2.64
C ASN C 123 15.64 4.26 -3.12
N VAL C 124 15.85 3.32 -2.21
N VAL C 124 15.87 3.32 -2.21
CA VAL C 124 15.58 1.90 -2.43
CA VAL C 124 15.66 1.88 -2.37
C VAL C 124 16.59 1.26 -3.39
C VAL C 124 16.43 1.23 -3.53
N CYS C 125 16.97 1.97 -4.46
N CYS C 125 17.04 2.02 -4.40
CA CYS C 125 17.73 1.35 -5.53
CA CYS C 125 17.69 1.45 -5.56
C CYS C 125 18.81 2.29 -6.04
C CYS C 125 18.83 2.33 -6.04
N HIS C 126 19.75 1.72 -6.79
CA HIS C 126 20.82 2.42 -7.47
C HIS C 126 20.93 1.91 -8.90
N GLY C 127 21.22 2.81 -9.83
CA GLY C 127 21.48 2.44 -11.20
C GLY C 127 22.63 3.22 -11.80
N SER C 128 23.45 2.56 -12.62
CA SER C 128 24.56 3.24 -13.27
C SER C 128 24.04 4.37 -14.16
N ASP C 129 24.73 5.51 -14.13
CA ASP C 129 24.28 6.69 -14.85
C ASP C 129 24.89 6.80 -16.25
N SER C 130 25.89 5.98 -16.57
CA SER C 130 26.49 6.00 -17.90
C SER C 130 27.07 4.62 -18.19
N VAL C 131 27.44 4.40 -19.44
CA VAL C 131 28.02 3.11 -19.83
C VAL C 131 29.40 2.94 -19.20
N GLU C 132 30.22 3.99 -19.23
CA GLU C 132 31.56 3.89 -18.65
C GLU C 132 31.49 3.65 -17.15
N ASN C 133 30.63 4.39 -16.44
CA ASN C 133 30.47 4.15 -15.01
C ASN C 133 29.87 2.77 -14.74
N ALA C 134 29.02 2.28 -15.64
CA ALA C 134 28.50 0.92 -15.49
C ALA C 134 29.62 -0.10 -15.55
N LYS C 135 30.51 0.04 -16.53
CA LYS C 135 31.67 -0.87 -16.60
C LYS C 135 32.54 -0.76 -15.36
N LYS C 136 32.66 0.45 -14.80
CA LYS C 136 33.47 0.61 -13.58
C LYS C 136 32.80 -0.07 -12.39
N GLU C 137 31.49 0.10 -12.24
CA GLU C 137 30.80 -0.47 -11.09
C GLU C 137 30.68 -1.98 -11.20
N ILE C 138 30.52 -2.51 -12.42
CA ILE C 138 30.45 -3.95 -12.59
C ILE C 138 31.76 -4.61 -12.18
N ALA C 139 32.89 -3.99 -12.54
CA ALA C 139 34.19 -4.51 -12.15
C ALA C 139 34.45 -4.34 -10.66
N LEU C 140 33.82 -3.33 -10.04
CA LEU C 140 34.02 -3.10 -8.61
C LEU C 140 33.23 -4.10 -7.77
N TRP C 141 32.01 -4.44 -8.19
CA TRP C 141 31.13 -5.28 -7.39
C TRP C 141 31.22 -6.77 -7.74
N PHE C 142 31.50 -7.10 -9.00
CA PHE C 142 31.46 -8.48 -9.47
C PHE C 142 32.82 -8.91 -10.00
N LYS C 143 33.16 -10.18 -9.76
CA LYS C 143 34.27 -10.80 -10.45
C LYS C 143 33.82 -11.24 -11.84
N PRO C 144 34.74 -11.30 -12.81
CA PRO C 144 34.31 -11.66 -14.19
C PRO C 144 33.66 -13.02 -14.29
N GLU C 145 34.00 -13.97 -13.41
CA GLU C 145 33.37 -15.28 -13.47
C GLU C 145 31.90 -15.25 -13.03
N GLU C 146 31.50 -14.24 -12.27
CA GLU C 146 30.15 -14.15 -11.74
C GLU C 146 29.13 -13.68 -12.76
N LEU C 147 29.57 -13.21 -13.92
CA LEU C 147 28.66 -12.82 -14.99
C LEU C 147 28.37 -14.06 -15.84
N ILE C 148 27.10 -14.47 -15.87
CA ILE C 148 26.69 -15.71 -16.53
C ILE C 148 26.36 -15.43 -17.99
N SER C 149 26.86 -16.28 -18.88
CA SER C 149 26.61 -16.17 -20.31
C SER C 149 25.43 -17.09 -20.67
N TRP C 150 24.38 -16.51 -21.21
CA TRP C 150 23.22 -17.28 -21.67
C TRP C 150 22.41 -16.42 -22.64
N LYS C 151 21.49 -17.08 -23.34
CA LYS C 151 20.65 -16.43 -24.32
C LYS C 151 19.19 -16.74 -24.00
N SER C 152 18.37 -15.69 -23.92
CA SER C 152 16.97 -15.85 -23.58
C SER C 152 16.20 -16.56 -24.70
N ALA C 153 15.23 -17.37 -24.30
CA ALA C 153 14.42 -18.08 -25.27
C ALA C 153 13.50 -17.16 -26.07
N THR C 154 13.24 -15.95 -25.57
CA THR C 154 12.41 -14.98 -26.27
C THR C 154 13.22 -13.80 -26.81
N PHE C 155 14.52 -14.01 -27.03
CA PHE C 155 15.38 -12.91 -27.49
C PHE C 155 14.90 -12.37 -28.83
N ASP C 156 14.56 -13.27 -29.77
CA ASP C 156 14.12 -12.84 -31.09
C ASP C 156 12.73 -12.22 -31.09
N TRP C 157 11.99 -12.34 -29.99
CA TRP C 157 10.72 -11.64 -29.85
C TRP C 157 10.85 -10.31 -29.12
N VAL C 158 11.94 -10.11 -28.39
CA VAL C 158 12.19 -8.81 -27.76
C VAL C 158 12.94 -7.88 -28.71
N TYR C 159 13.81 -8.40 -29.56
CA TYR C 159 14.64 -7.58 -30.44
C TYR C 159 14.40 -7.94 -31.90
N GLU C 160 14.45 -6.91 -32.75
CA GLU C 160 14.27 -7.10 -34.19
C GLU C 160 15.56 -7.52 -34.89
N LYS C 161 16.70 -7.42 -34.23
CA LYS C 161 18.03 -7.68 -34.81
C LYS C 161 18.07 -8.82 -35.83
MG MG D . -12.27 -17.51 18.64
PB IDP E . -9.23 -17.93 15.26
O1B IDP E . -9.10 -18.65 13.94
O2B IDP E . -10.71 -17.80 15.60
O3B IDP E . -8.61 -16.56 15.16
PA IDP E . -8.82 -18.73 18.04
O1A IDP E . -8.78 -20.12 18.62
O2A IDP E . -10.19 -18.12 18.24
O3A IDP E . -8.46 -18.79 16.43
O5' IDP E . -7.70 -17.77 18.78
C5' IDP E . -7.78 -16.40 18.53
C4' IDP E . -6.36 -15.83 18.31
O4' IDP E . -5.59 -16.13 19.33
C3' IDP E . -5.69 -16.52 17.11
O3' IDP E . -5.99 -15.87 15.96
C2' IDP E . -4.19 -16.38 17.44
O2' IDP E . -3.71 -15.04 16.99
C1' IDP E . -4.12 -16.47 18.74
N9 IDP E . -3.72 -17.80 19.14
C8 IDP E . -4.38 -18.96 19.06
N7 IDP E . -3.59 -19.93 19.56
C5 IDP E . -2.45 -19.37 19.96
C6 IDP E . -1.20 -19.97 20.61
O6 IDP E . -1.14 -21.12 20.84
N1 IDP E . -0.10 -19.11 20.94
C2 IDP E . -0.18 -17.70 20.65
N3 IDP E . -1.39 -17.15 20.05
C4 IDP E . -2.53 -18.04 19.70
MG MG F . -10.81 21.67 -4.80
PB IDP G . -9.53 18.21 -7.42
O1B IDP G . -8.38 17.55 -8.14
O2B IDP G . -9.01 18.90 -6.18
O3B IDP G . -10.54 17.16 -7.02
PA IDP G . -11.44 20.34 -8.00
O1A IDP G . -11.38 21.56 -8.87
O2A IDP G . -11.31 20.73 -6.55
O3A IDP G . -10.23 19.31 -8.42
O5' IDP G . -12.89 19.59 -8.22
C5' IDP G . -13.33 18.69 -7.24
C4' IDP G . -14.13 17.56 -7.93
O4' IDP G . -15.13 18.07 -8.60
C3' IDP G . -13.27 16.88 -9.00
O3' IDP G . -12.52 15.88 -8.45
C2' IDP G . -14.32 16.33 -9.95
O2' IDP G . -14.86 15.05 -9.39
C1' IDP G . -15.26 17.23 -9.98
N9 IDP G . -15.12 18.09 -11.14
C8 IDP G . -14.17 19.00 -11.43
N7 IDP G . -14.46 19.54 -12.62
C5 IDP G . -15.57 18.98 -13.07
C6 IDP G . -16.38 19.18 -14.36
O6 IDP G . -16.02 19.97 -15.17
N1 IDP G . -17.57 18.41 -14.58
C2 IDP G . -17.99 17.45 -13.60
N3 IDP G . -17.22 17.26 -12.38
C4 IDP G . -15.99 18.06 -12.14
MG MG H . 26.29 8.97 -9.23
PB IDP I . 21.92 8.62 -8.56
O1B IDP I . 23.02 8.33 -9.55
O2B IDP I . 20.61 8.77 -9.28
O3B IDP I . 21.82 7.48 -7.57
PA IDP I . 23.72 10.46 -7.19
O1A IDP I . 24.81 9.72 -7.94
O2A IDP I . 23.88 11.95 -7.38
O3A IDP I . 22.24 10.01 -7.74
O5' IDP I . 23.84 10.10 -5.59
C5' IDP I . 23.96 8.75 -5.24
C4' IDP I . 23.06 8.48 -4.00
O4' IDP I . 23.31 9.36 -3.08
C3' IDP I . 21.59 8.70 -4.38
O3' IDP I . 21.05 7.56 -4.86
C2' IDP I . 20.96 9.08 -3.02
O2' IDP I . 20.60 7.84 -2.28
C1' IDP I . 21.90 9.73 -2.38
N9 IDP I . 21.67 11.15 -2.45
C8 IDP I . 21.72 12.00 -3.50
N7 IDP I . 21.44 13.23 -3.06
C5 IDP I . 21.21 13.16 -1.75
C6 IDP I . 20.84 14.23 -0.70
O6 IDP I . 20.72 15.36 -1.04
N1 IDP I . 20.65 13.85 0.66
C2 IDP I . 20.81 12.48 1.05
N3 IDP I . 21.15 11.47 0.06
C4 IDP I . 21.36 11.86 -1.37
#